data_1UIO
#
_entry.id   1UIO
#
_cell.length_a   99.140
_cell.length_b   93.940
_cell.length_c   71.980
_cell.angle_alpha   90.00
_cell.angle_beta   126.92
_cell.angle_gamma   90.00
#
_symmetry.space_group_name_H-M   'C 1 2 1'
#
loop_
_entity.id
_entity.type
_entity.pdbx_description
1 polymer 'ADENOSINE DEAMINASE'
2 non-polymer 'ZINC ION'
3 non-polymer '6-HYDROXY-7,8-DIHYDRO PURINE NUCLEOSIDE'
4 water water
#
_entity_poly.entity_id   1
_entity_poly.type   'polypeptide(L)'
_entity_poly.pdbx_seq_one_letter_code
;TPAFNKPKVELHVHLDGAIKPETILYFGKKRGIALPADTVEELRNIIGMDKPLSLPGFLAKFDYYMPVIAGCREAIKRIA
YEFVEMKAKEGVVYVEVRYSPHLLANSKVDPMPWNQTEGDVTPDDVVDLVNQGLQEGEQAFGIKVRSILCCMRHQPSWSL
EVLELCKKYNQKTVVAMDLAGDETIEGSSLFPGHVEAYEGAVKNGIHRTVHAGEVGSPEVVREAVDILKTERVGAGYHTI
EDEALYNRLLKENMHFEVCPWSSYLTGAWDPKTTHAVVRFKNDKANYSLNTDDPLIFKSTLDTDYQMTKKDMGFTEEEFK
RLNINAAKSSFLPEEEKKELLERLYREYQ
;
_entity_poly.pdbx_strand_id   A
#
loop_
_chem_comp.id
_chem_comp.type
_chem_comp.name
_chem_comp.formula
HPR non-polymer '6-HYDROXY-7,8-DIHYDRO PURINE NUCLEOSIDE' 'C10 H14 N4 O5'
ZN non-polymer 'ZINC ION' 'Zn 2'
#
# COMPACT_ATOMS: atom_id res chain seq x y z
N THR A 1 -3.68 2.34 25.20
CA THR A 1 -2.26 2.03 25.55
C THR A 1 -1.52 1.46 24.34
N PRO A 2 -1.03 2.34 23.43
CA PRO A 2 -0.30 1.98 22.21
C PRO A 2 0.90 1.05 22.44
N ALA A 3 1.11 0.15 21.49
CA ALA A 3 2.22 -0.78 21.55
C ALA A 3 3.55 -0.04 21.33
N PHE A 4 3.52 1.01 20.52
CA PHE A 4 4.72 1.77 20.22
C PHE A 4 4.31 3.19 20.00
N ASN A 5 4.29 3.94 21.09
CA ASN A 5 3.87 5.33 21.06
C ASN A 5 5.06 6.22 20.76
N LYS A 6 5.54 6.17 19.52
CA LYS A 6 6.70 6.93 19.03
C LYS A 6 6.50 7.17 17.53
N PRO A 7 7.25 8.11 16.89
CA PRO A 7 7.09 8.37 15.45
C PRO A 7 7.18 7.06 14.66
N LYS A 8 6.45 6.95 13.56
CA LYS A 8 6.52 5.75 12.74
C LYS A 8 6.60 6.10 11.27
N VAL A 9 7.04 5.14 10.48
CA VAL A 9 7.15 5.32 9.05
C VAL A 9 6.34 4.17 8.43
N GLU A 10 5.40 4.53 7.56
CA GLU A 10 4.56 3.55 6.87
C GLU A 10 4.81 3.66 5.38
N LEU A 11 5.18 2.53 4.82
CA LEU A 11 5.52 2.34 3.40
C LEU A 11 4.51 1.52 2.57
N HIS A 12 3.60 0.81 3.24
CA HIS A 12 2.59 -0.02 2.54
C HIS A 12 1.13 0.10 3.01
N VAL A 13 0.41 1.03 2.41
CA VAL A 13 -1.00 1.24 2.69
C VAL A 13 -1.71 1.74 1.42
N HIS A 14 -2.89 1.20 1.16
CA HIS A 14 -3.70 1.55 -0.02
C HIS A 14 -4.71 2.60 0.26
N LEU A 15 -4.61 3.72 -0.45
CA LEU A 15 -5.50 4.84 -0.24
C LEU A 15 -6.96 4.41 -0.41
N ASP A 16 -7.24 3.60 -1.42
CA ASP A 16 -8.60 3.12 -1.67
C ASP A 16 -9.00 2.06 -0.66
N GLY A 17 -8.05 1.71 0.22
CA GLY A 17 -8.28 0.74 1.27
C GLY A 17 -8.21 1.34 2.67
N ALA A 18 -8.20 2.66 2.72
CA ALA A 18 -8.10 3.35 3.99
C ALA A 18 -9.01 4.56 3.93
N ILE A 19 -10.30 4.31 3.71
CA ILE A 19 -11.32 5.35 3.60
C ILE A 19 -12.23 5.26 4.80
N LYS A 20 -12.80 6.39 5.16
CA LYS A 20 -13.75 6.49 6.30
C LYS A 20 -15.15 5.99 5.88
N PRO A 21 -15.77 5.07 6.67
CA PRO A 21 -17.09 4.57 6.30
C PRO A 21 -18.07 5.72 6.16
N GLU A 22 -17.83 6.75 6.97
CA GLU A 22 -18.64 7.96 6.99
C GLU A 22 -18.53 8.74 5.68
N THR A 23 -17.38 8.65 5.00
CA THR A 23 -17.15 9.33 3.74
C THR A 23 -17.73 8.51 2.59
N ILE A 24 -17.70 7.20 2.75
CA ILE A 24 -18.28 6.30 1.74
C ILE A 24 -19.80 6.58 1.75
N LEU A 25 -20.39 6.47 2.94
CA LEU A 25 -21.80 6.72 3.14
C LEU A 25 -22.16 8.07 2.56
N TYR A 26 -21.36 9.08 2.89
CA TYR A 26 -21.60 10.43 2.42
C TYR A 26 -21.69 10.52 0.93
N PHE A 27 -20.77 9.89 0.21
CA PHE A 27 -20.83 10.00 -1.25
C PHE A 27 -21.87 9.12 -1.96
N GLY A 28 -22.26 8.00 -1.35
CA GLY A 28 -23.25 7.13 -1.97
C GLY A 28 -24.56 7.89 -2.02
N LYS A 29 -24.93 8.43 -0.87
CA LYS A 29 -26.13 9.24 -0.72
C LYS A 29 -26.01 10.44 -1.65
N LYS A 30 -24.98 11.24 -1.43
CA LYS A 30 -24.74 12.43 -2.24
C LYS A 30 -24.82 12.20 -3.75
N ARG A 31 -24.24 11.12 -4.24
CA ARG A 31 -24.29 10.88 -5.68
C ARG A 31 -25.46 9.96 -6.04
N GLY A 32 -26.08 9.35 -5.04
CA GLY A 32 -27.17 8.46 -5.31
C GLY A 32 -26.67 7.18 -5.96
N ILE A 33 -25.63 6.63 -5.39
CA ILE A 33 -25.05 5.39 -5.87
C ILE A 33 -25.31 4.50 -4.69
N ALA A 34 -25.67 3.25 -4.94
CA ALA A 34 -25.99 2.36 -3.83
C ALA A 34 -24.84 1.67 -3.09
N LEU A 35 -25.03 1.44 -1.81
CA LEU A 35 -24.04 0.78 -0.99
C LEU A 35 -24.70 -0.45 -0.39
N PRO A 36 -23.91 -1.46 0.00
CA PRO A 36 -24.58 -2.61 0.59
C PRO A 36 -25.20 -2.32 1.95
N ALA A 37 -25.19 -1.07 2.42
CA ALA A 37 -25.76 -0.71 3.74
C ALA A 37 -25.86 0.80 3.87
N ASP A 38 -26.63 1.29 4.84
CA ASP A 38 -26.84 2.74 4.99
C ASP A 38 -26.51 3.21 6.38
N THR A 39 -25.61 2.48 6.99
CA THR A 39 -25.20 2.75 8.33
C THR A 39 -23.71 2.41 8.37
N VAL A 40 -22.89 3.28 8.96
CA VAL A 40 -21.44 3.04 8.98
C VAL A 40 -21.18 1.71 9.62
N GLU A 41 -21.95 1.42 10.64
CA GLU A 41 -21.81 0.17 11.37
C GLU A 41 -22.05 -1.05 10.49
N GLU A 42 -23.16 -1.07 9.76
CA GLU A 42 -23.46 -2.21 8.92
C GLU A 42 -22.62 -2.16 7.68
N LEU A 43 -22.30 -0.94 7.27
CA LEU A 43 -21.43 -0.73 6.13
C LEU A 43 -20.07 -1.36 6.48
N ARG A 44 -19.63 -1.20 7.73
CA ARG A 44 -18.37 -1.77 8.24
C ARG A 44 -18.39 -3.30 8.31
N ASN A 45 -19.53 -3.90 8.60
CA ASN A 45 -19.63 -5.36 8.66
C ASN A 45 -19.65 -5.98 7.29
N ILE A 46 -20.18 -5.23 6.32
CA ILE A 46 -20.25 -5.72 4.93
C ILE A 46 -18.84 -5.63 4.33
N ILE A 47 -18.31 -4.40 4.24
CA ILE A 47 -16.97 -4.14 3.68
C ILE A 47 -15.86 -4.81 4.47
N GLY A 48 -15.96 -4.69 5.80
CA GLY A 48 -14.98 -5.25 6.68
C GLY A 48 -14.97 -6.75 6.75
N MET A 49 -13.87 -7.30 7.25
CA MET A 49 -13.73 -8.71 7.40
C MET A 49 -13.07 -9.00 8.74
N ASP A 50 -13.51 -10.07 9.34
CA ASP A 50 -12.94 -10.47 10.61
C ASP A 50 -12.47 -11.89 10.56
N LYS A 51 -12.55 -12.51 9.39
CA LYS A 51 -12.14 -13.89 9.26
C LYS A 51 -11.34 -14.03 8.01
N PRO A 52 -10.31 -14.87 8.05
CA PRO A 52 -9.51 -15.06 6.84
C PRO A 52 -10.41 -15.39 5.66
N LEU A 53 -9.97 -14.97 4.48
CA LEU A 53 -10.69 -15.22 3.26
C LEU A 53 -9.60 -15.71 2.31
N SER A 54 -9.50 -15.07 1.14
CA SER A 54 -8.50 -15.37 0.16
C SER A 54 -8.13 -13.99 -0.36
N LEU A 55 -7.11 -13.92 -1.19
CA LEU A 55 -6.73 -12.63 -1.74
C LEU A 55 -7.86 -12.26 -2.70
N PRO A 56 -8.26 -13.20 -3.59
CA PRO A 56 -9.35 -12.88 -4.55
C PRO A 56 -10.63 -12.53 -3.80
N GLY A 57 -10.87 -13.21 -2.68
CA GLY A 57 -12.05 -12.91 -1.89
C GLY A 57 -11.98 -11.58 -1.15
N PHE A 58 -10.77 -11.14 -0.79
CA PHE A 58 -10.58 -9.86 -0.09
C PHE A 58 -10.67 -8.71 -1.08
N LEU A 59 -10.12 -8.93 -2.26
CA LEU A 59 -10.10 -7.90 -3.28
C LEU A 59 -11.50 -7.43 -3.70
N ALA A 60 -12.50 -8.31 -3.57
CA ALA A 60 -13.90 -8.00 -3.97
C ALA A 60 -14.61 -7.00 -3.06
N LYS A 61 -14.18 -6.88 -1.82
CA LYS A 61 -14.78 -5.93 -0.92
C LYS A 61 -14.75 -4.54 -1.52
N PHE A 62 -13.79 -4.26 -2.41
CA PHE A 62 -13.73 -2.92 -3.00
C PHE A 62 -14.94 -2.61 -3.90
N ASP A 63 -15.56 -3.66 -4.44
CA ASP A 63 -16.77 -3.55 -5.29
C ASP A 63 -17.89 -2.76 -4.60
N TYR A 64 -18.06 -3.00 -3.30
CA TYR A 64 -19.05 -2.32 -2.49
C TYR A 64 -19.02 -0.82 -2.48
N TYR A 65 -17.82 -0.22 -2.34
CA TYR A 65 -17.67 1.25 -2.22
C TYR A 65 -16.91 2.00 -3.30
N MET A 66 -16.01 1.33 -4.00
CA MET A 66 -15.29 2.04 -5.03
C MET A 66 -16.21 2.79 -5.94
N PRO A 67 -17.40 2.24 -6.28
CA PRO A 67 -18.30 2.97 -7.20
C PRO A 67 -18.78 4.34 -6.72
N VAL A 68 -18.84 4.59 -5.41
CA VAL A 68 -19.29 5.90 -4.90
C VAL A 68 -18.18 6.96 -4.88
N ILE A 69 -16.91 6.48 -4.91
CA ILE A 69 -15.70 7.32 -4.92
C ILE A 69 -15.19 7.58 -6.34
N ALA A 70 -14.95 6.49 -7.08
CA ALA A 70 -14.49 6.59 -8.47
C ALA A 70 -15.29 7.62 -9.25
N GLY A 71 -14.62 8.33 -10.14
CA GLY A 71 -15.24 9.37 -10.93
C GLY A 71 -15.64 10.62 -10.20
N CYS A 72 -15.60 10.68 -8.87
CA CYS A 72 -16.00 11.92 -8.14
C CYS A 72 -14.76 12.75 -7.67
N ARG A 73 -14.48 13.88 -8.31
CA ARG A 73 -13.33 14.72 -7.92
C ARG A 73 -13.37 15.13 -6.46
N GLU A 74 -14.52 15.59 -6.01
CA GLU A 74 -14.65 15.99 -4.63
C GLU A 74 -14.23 14.85 -3.72
N ALA A 75 -14.69 13.64 -4.04
CA ALA A 75 -14.41 12.46 -3.22
C ALA A 75 -12.96 11.98 -3.26
N ILE A 76 -12.32 12.08 -4.43
CA ILE A 76 -10.94 11.65 -4.64
C ILE A 76 -9.95 12.52 -3.84
N LYS A 77 -10.20 13.82 -3.84
CA LYS A 77 -9.38 14.75 -3.11
C LYS A 77 -9.59 14.60 -1.60
N ARG A 78 -10.85 14.46 -1.19
CA ARG A 78 -11.21 14.32 0.21
C ARG A 78 -10.61 13.07 0.86
N ILE A 79 -10.67 11.91 0.22
CA ILE A 79 -10.13 10.74 0.85
C ILE A 79 -8.62 10.82 1.08
N ALA A 80 -7.94 11.58 0.22
CA ALA A 80 -6.49 11.82 0.24
C ALA A 80 -6.26 12.71 1.45
N TYR A 81 -7.01 13.80 1.51
CA TYR A 81 -6.88 14.69 2.63
C TYR A 81 -7.12 14.00 3.98
N GLU A 82 -8.19 13.20 4.06
CA GLU A 82 -8.54 12.51 5.31
C GLU A 82 -7.54 11.42 5.62
N PHE A 83 -6.82 10.99 4.61
CA PHE A 83 -5.82 9.95 4.82
C PHE A 83 -4.65 10.48 5.65
N VAL A 84 -4.15 11.67 5.31
CA VAL A 84 -3.01 12.26 6.04
C VAL A 84 -3.41 12.41 7.47
N GLU A 85 -4.59 12.99 7.65
CA GLU A 85 -5.18 13.23 8.95
C GLU A 85 -5.18 12.00 9.83
N MET A 86 -5.59 10.86 9.26
CA MET A 86 -5.63 9.56 9.95
C MET A 86 -4.23 9.06 10.32
N LYS A 87 -3.28 9.27 9.42
CA LYS A 87 -1.90 8.84 9.65
C LYS A 87 -1.27 9.74 10.70
N ALA A 88 -1.55 11.04 10.62
CA ALA A 88 -1.01 11.97 11.57
C ALA A 88 -1.46 11.47 12.94
N LYS A 89 -2.76 11.24 13.10
CA LYS A 89 -3.22 10.76 14.41
C LYS A 89 -2.58 9.45 14.86
N GLU A 90 -2.12 8.61 13.94
CA GLU A 90 -1.53 7.33 14.33
C GLU A 90 -0.06 7.46 14.76
N GLY A 91 0.49 8.68 14.66
CA GLY A 91 1.88 8.92 15.01
C GLY A 91 2.84 8.53 13.90
N VAL A 92 2.43 8.77 12.66
CA VAL A 92 3.22 8.43 11.51
C VAL A 92 3.77 9.79 11.12
N VAL A 93 5.09 9.85 10.88
CA VAL A 93 5.73 11.11 10.51
C VAL A 93 5.97 11.11 9.01
N TYR A 94 6.08 9.92 8.40
CA TYR A 94 6.25 9.84 6.96
C TYR A 94 5.52 8.64 6.45
N VAL A 95 4.79 8.81 5.34
CA VAL A 95 4.03 7.72 4.73
C VAL A 95 3.91 7.77 3.21
N GLU A 96 4.02 6.60 2.60
CA GLU A 96 3.85 6.50 1.17
C GLU A 96 2.48 5.79 0.93
N VAL A 97 1.48 6.49 0.40
CA VAL A 97 0.15 5.89 0.14
C VAL A 97 0.10 5.42 -1.29
N ARG A 98 -0.35 4.19 -1.53
CA ARG A 98 -0.45 3.69 -2.90
C ARG A 98 -1.90 3.58 -3.37
N TYR A 99 -2.10 3.49 -4.68
CA TYR A 99 -3.45 3.40 -5.26
C TYR A 99 -3.36 3.30 -6.76
N SER A 100 -4.43 2.77 -7.38
CA SER A 100 -4.46 2.71 -8.83
C SER A 100 -5.15 3.96 -9.33
N PRO A 101 -4.49 4.76 -10.18
CA PRO A 101 -5.25 5.94 -10.61
C PRO A 101 -6.38 5.53 -11.60
N HIS A 102 -6.18 4.44 -12.33
CA HIS A 102 -7.17 4.00 -13.27
C HIS A 102 -8.51 3.59 -12.64
N LEU A 103 -8.47 2.87 -11.53
CA LEU A 103 -9.66 2.42 -10.83
C LEU A 103 -10.45 3.55 -10.17
N LEU A 104 -10.06 4.79 -10.40
CA LEU A 104 -10.80 5.90 -9.78
C LEU A 104 -11.19 6.92 -10.87
N ALA A 105 -10.84 6.58 -12.10
CA ALA A 105 -11.14 7.42 -13.24
C ALA A 105 -12.49 6.98 -13.87
N ASN A 106 -13.17 7.91 -14.55
CA ASN A 106 -14.41 7.60 -15.26
C ASN A 106 -14.24 8.15 -16.68
N SER A 107 -13.00 8.26 -17.15
CA SER A 107 -12.73 8.77 -18.48
C SER A 107 -11.32 8.39 -18.89
N LYS A 108 -11.14 8.19 -20.20
CA LYS A 108 -9.86 7.81 -20.78
C LYS A 108 -9.27 6.53 -20.23
N VAL A 109 -10.14 5.60 -19.83
CA VAL A 109 -9.74 4.31 -19.27
C VAL A 109 -10.50 3.24 -20.00
N ASP A 110 -9.89 2.07 -20.16
CA ASP A 110 -10.53 0.95 -20.83
C ASP A 110 -9.92 -0.33 -20.27
N PRO A 111 -10.73 -1.24 -19.71
CA PRO A 111 -12.18 -1.31 -19.48
C PRO A 111 -12.58 -0.30 -18.44
N MET A 112 -13.73 0.32 -18.62
CA MET A 112 -14.21 1.30 -17.66
C MET A 112 -14.42 0.61 -16.31
N PRO A 113 -13.78 1.13 -15.24
CA PRO A 113 -13.94 0.50 -13.92
C PRO A 113 -15.37 0.68 -13.39
N TRP A 114 -15.85 -0.30 -12.64
CA TRP A 114 -17.18 -0.22 -12.01
C TRP A 114 -18.39 0.11 -12.93
N ASN A 115 -18.33 -0.28 -14.20
CA ASN A 115 -19.40 0.02 -15.15
C ASN A 115 -19.82 1.44 -14.95
N GLN A 116 -18.85 2.34 -14.96
CA GLN A 116 -19.18 3.72 -14.78
C GLN A 116 -19.62 4.34 -16.07
N THR A 117 -20.26 5.48 -15.96
CA THR A 117 -20.73 6.20 -17.11
C THR A 117 -19.62 7.20 -17.40
N GLU A 118 -19.12 7.21 -18.63
CA GLU A 118 -18.06 8.16 -19.04
C GLU A 118 -18.23 9.50 -18.33
N GLY A 119 -17.13 10.19 -18.05
CA GLY A 119 -17.19 11.48 -17.39
C GLY A 119 -15.93 12.22 -17.79
N ASP A 120 -15.37 13.02 -16.90
CA ASP A 120 -14.14 13.71 -17.26
C ASP A 120 -12.97 13.45 -16.33
N VAL A 121 -13.14 12.57 -15.35
CA VAL A 121 -12.05 12.27 -14.45
C VAL A 121 -11.14 11.23 -15.07
N THR A 122 -10.15 11.73 -15.77
CA THR A 122 -9.11 10.95 -16.44
C THR A 122 -8.10 10.41 -15.40
N PRO A 123 -7.31 9.36 -15.74
CA PRO A 123 -6.33 8.84 -14.77
C PRO A 123 -5.33 9.94 -14.30
N ASP A 124 -4.91 10.80 -15.20
CA ASP A 124 -4.02 11.87 -14.85
C ASP A 124 -4.73 12.75 -13.85
N ASP A 125 -5.99 13.07 -14.11
CA ASP A 125 -6.78 13.93 -13.19
C ASP A 125 -6.81 13.36 -11.82
N VAL A 126 -6.86 12.04 -11.70
CA VAL A 126 -6.91 11.39 -10.40
C VAL A 126 -5.60 11.65 -9.61
N VAL A 127 -4.44 11.47 -10.27
CA VAL A 127 -3.13 11.69 -9.66
C VAL A 127 -3.07 13.16 -9.16
N ASP A 128 -3.45 14.09 -10.02
CA ASP A 128 -3.48 15.50 -9.65
C ASP A 128 -4.33 15.74 -8.40
N LEU A 129 -5.53 15.14 -8.36
CA LEU A 129 -6.50 15.26 -7.24
C LEU A 129 -5.92 14.73 -5.91
N VAL A 130 -5.34 13.54 -5.95
CA VAL A 130 -4.72 12.91 -4.79
C VAL A 130 -3.54 13.80 -4.31
N ASN A 131 -2.68 14.25 -5.24
CA ASN A 131 -1.56 15.11 -4.87
C ASN A 131 -2.11 16.31 -4.09
N GLN A 132 -3.11 16.99 -4.64
CA GLN A 132 -3.70 18.15 -3.96
C GLN A 132 -4.24 17.81 -2.62
N GLY A 133 -4.89 16.66 -2.49
CA GLY A 133 -5.45 16.32 -1.19
C GLY A 133 -4.34 16.02 -0.19
N LEU A 134 -3.37 15.23 -0.63
CA LEU A 134 -2.21 14.82 0.16
C LEU A 134 -1.38 16.05 0.63
N GLN A 135 -1.17 16.99 -0.29
CA GLN A 135 -0.47 18.23 -0.02
C GLN A 135 -1.19 19.06 1.04
N GLU A 136 -2.48 19.27 0.85
CA GLU A 136 -3.25 20.03 1.81
C GLU A 136 -3.21 19.38 3.15
N GLY A 137 -3.17 18.07 3.18
CA GLY A 137 -3.13 17.38 4.46
C GLY A 137 -1.81 17.54 5.18
N GLU A 138 -0.71 17.37 4.47
CA GLU A 138 0.62 17.52 5.06
C GLU A 138 0.63 18.88 5.69
N GLN A 139 0.39 19.87 4.84
CA GLN A 139 0.40 21.24 5.25
C GLN A 139 -0.72 21.61 6.19
N ALA A 140 -1.28 20.64 6.91
CA ALA A 140 -2.36 20.91 7.87
C ALA A 140 -2.30 20.02 9.09
N PHE A 141 -1.71 18.83 8.94
CA PHE A 141 -1.59 17.90 10.05
C PHE A 141 -0.12 17.70 10.28
N GLY A 142 0.68 18.36 9.44
CA GLY A 142 2.12 18.32 9.52
C GLY A 142 2.95 17.04 9.43
N ILE A 143 2.58 16.12 8.54
CA ILE A 143 3.37 14.90 8.42
C ILE A 143 3.78 14.94 6.98
N LYS A 144 4.84 14.23 6.64
CA LYS A 144 5.29 14.23 5.25
C LYS A 144 4.63 13.03 4.57
N VAL A 145 4.09 13.23 3.37
CA VAL A 145 3.39 12.15 2.66
C VAL A 145 3.74 12.08 1.19
N ARG A 146 4.05 10.90 0.71
CA ARG A 146 4.32 10.70 -0.71
C ARG A 146 3.28 9.66 -1.18
N SER A 147 3.21 9.44 -2.48
CA SER A 147 2.29 8.51 -3.05
C SER A 147 3.00 7.59 -3.99
N ILE A 148 2.40 6.42 -4.22
CA ILE A 148 2.93 5.40 -5.11
C ILE A 148 1.77 4.98 -6.03
N LEU A 149 1.99 4.93 -7.35
CA LEU A 149 0.98 4.54 -8.33
C LEU A 149 1.06 3.08 -8.70
N CYS A 150 -0.07 2.35 -8.55
CA CYS A 150 -0.14 0.91 -8.85
C CYS A 150 -0.55 0.41 -10.24
N CYS A 151 0.22 -0.53 -10.76
CA CYS A 151 -0.05 -1.21 -12.01
C CYS A 151 -0.92 -2.31 -11.43
N MET A 152 -1.86 -2.83 -12.22
CA MET A 152 -2.75 -3.88 -11.71
C MET A 152 -2.45 -5.16 -12.43
N ARG A 153 -2.20 -6.21 -11.69
CA ARG A 153 -1.83 -7.49 -12.29
C ARG A 153 -2.69 -7.94 -13.45
N HIS A 154 -3.99 -7.70 -13.31
CA HIS A 154 -4.95 -8.08 -14.34
C HIS A 154 -5.04 -7.20 -15.59
N GLN A 155 -4.70 -5.92 -15.47
CA GLN A 155 -4.73 -4.98 -16.57
C GLN A 155 -3.38 -4.40 -16.98
N PRO A 156 -2.49 -5.21 -17.59
CA PRO A 156 -1.17 -4.72 -18.04
C PRO A 156 -1.23 -3.60 -19.07
N SER A 157 -2.36 -3.47 -19.73
CA SER A 157 -2.57 -2.44 -20.76
C SER A 157 -2.54 -1.06 -20.14
N TRP A 158 -2.67 -1.02 -18.82
CA TRP A 158 -2.62 0.22 -18.07
C TRP A 158 -1.18 0.53 -17.56
N SER A 159 -0.34 -0.48 -17.40
CA SER A 159 1.01 -0.29 -16.85
C SER A 159 1.94 0.83 -17.41
N LEU A 160 2.08 0.92 -18.72
CA LEU A 160 2.94 1.95 -19.31
C LEU A 160 2.47 3.38 -19.04
N GLU A 161 1.19 3.54 -18.81
CA GLU A 161 0.65 4.87 -18.53
C GLU A 161 0.90 5.21 -17.10
N VAL A 162 0.89 4.19 -16.22
CA VAL A 162 1.18 4.39 -14.79
C VAL A 162 2.60 4.94 -14.73
N LEU A 163 3.51 4.27 -15.44
CA LEU A 163 4.90 4.70 -15.52
C LEU A 163 4.98 6.14 -15.97
N GLU A 164 4.16 6.50 -16.94
CA GLU A 164 4.20 7.87 -17.43
C GLU A 164 3.73 8.85 -16.39
N LEU A 165 2.78 8.41 -15.59
CA LEU A 165 2.22 9.26 -14.54
C LEU A 165 3.26 9.47 -13.41
N CYS A 166 4.09 8.45 -13.18
CA CYS A 166 5.17 8.51 -12.17
C CYS A 166 6.22 9.52 -12.68
N LYS A 167 6.59 9.42 -13.96
CA LYS A 167 7.54 10.33 -14.56
C LYS A 167 7.06 11.76 -14.49
N LYS A 168 5.84 12.00 -14.96
CA LYS A 168 5.27 13.34 -14.92
C LYS A 168 5.07 13.91 -13.50
N TYR A 169 4.69 13.08 -12.54
CA TYR A 169 4.44 13.56 -11.18
C TYR A 169 5.54 13.21 -10.19
N ASN A 170 6.71 12.91 -10.74
CA ASN A 170 7.88 12.52 -9.95
C ASN A 170 8.09 13.45 -8.76
N GLN A 171 8.05 12.87 -7.56
CA GLN A 171 8.23 13.59 -6.29
C GLN A 171 7.22 14.73 -6.08
N LYS A 172 6.35 14.96 -7.07
CA LYS A 172 5.24 15.94 -7.01
C LYS A 172 4.16 14.99 -6.49
N THR A 173 4.57 14.40 -5.38
CA THR A 173 4.01 13.37 -4.55
C THR A 173 4.34 11.98 -5.01
N VAL A 174 4.43 11.71 -6.31
CA VAL A 174 4.68 10.33 -6.73
C VAL A 174 6.13 9.95 -6.69
N VAL A 175 6.43 8.97 -5.85
CA VAL A 175 7.79 8.52 -5.68
C VAL A 175 8.12 7.13 -6.20
N ALA A 176 7.10 6.36 -6.55
CA ALA A 176 7.33 5.00 -7.03
C ALA A 176 6.14 4.40 -7.76
N MET A 177 6.39 3.24 -8.35
CA MET A 177 5.42 2.47 -9.07
C MET A 177 5.30 1.11 -8.36
N ASP A 178 4.07 0.60 -8.27
CA ASP A 178 3.79 -0.70 -7.63
C ASP A 178 3.08 -1.63 -8.65
N LEU A 179 2.94 -2.90 -8.28
CA LEU A 179 2.23 -3.90 -9.06
C LEU A 179 1.32 -4.58 -8.03
N ALA A 180 0.04 -4.18 -8.00
CA ALA A 180 -0.91 -4.76 -7.03
C ALA A 180 -2.00 -5.63 -7.66
N GLY A 181 -2.91 -6.18 -6.84
CA GLY A 181 -3.95 -6.99 -7.43
C GLY A 181 -3.90 -8.45 -7.14
N ASP A 182 -4.47 -9.23 -8.02
CA ASP A 182 -4.55 -10.65 -7.77
C ASP A 182 -3.30 -11.41 -8.16
N GLU A 183 -2.48 -11.68 -7.14
CA GLU A 183 -1.22 -12.36 -7.27
C GLU A 183 -1.41 -13.80 -7.70
N THR A 184 -2.65 -14.30 -7.64
CA THR A 184 -2.95 -15.69 -8.04
C THR A 184 -3.02 -15.83 -9.59
N ILE A 185 -3.27 -14.72 -10.27
CA ILE A 185 -3.35 -14.71 -11.72
C ILE A 185 -2.03 -15.20 -12.28
N GLU A 186 -1.98 -16.48 -12.65
CA GLU A 186 -0.79 -17.11 -13.19
C GLU A 186 -0.07 -16.27 -14.23
N GLY A 187 1.23 -16.05 -14.02
CA GLY A 187 2.03 -15.27 -14.95
C GLY A 187 1.82 -13.78 -15.03
N SER A 188 0.98 -13.21 -14.16
CA SER A 188 0.73 -11.77 -14.20
C SER A 188 2.02 -10.99 -14.02
N SER A 189 2.97 -11.57 -13.29
CA SER A 189 4.26 -10.90 -13.06
C SER A 189 5.02 -10.76 -14.38
N LEU A 190 4.79 -11.68 -15.31
CA LEU A 190 5.49 -11.69 -16.56
C LEU A 190 4.81 -11.05 -17.76
N PHE A 191 3.60 -10.51 -17.61
CA PHE A 191 2.90 -9.88 -18.72
C PHE A 191 3.72 -8.77 -19.32
N PRO A 192 3.78 -8.68 -20.66
CA PRO A 192 4.55 -7.64 -21.33
C PRO A 192 4.34 -6.26 -20.75
N GLY A 193 3.10 -5.83 -20.64
CA GLY A 193 2.85 -4.49 -20.13
C GLY A 193 3.54 -4.18 -18.83
N HIS A 194 3.53 -5.13 -17.91
CA HIS A 194 4.15 -4.95 -16.59
C HIS A 194 5.65 -4.92 -16.74
N VAL A 195 6.18 -5.99 -17.34
CA VAL A 195 7.59 -6.14 -17.60
C VAL A 195 8.16 -4.89 -18.25
N GLU A 196 7.52 -4.44 -19.32
CA GLU A 196 7.98 -3.26 -20.05
C GLU A 196 7.88 -2.00 -19.23
N ALA A 197 6.86 -1.92 -18.37
CA ALA A 197 6.66 -0.76 -17.51
C ALA A 197 7.81 -0.68 -16.50
N TYR A 198 8.22 -1.82 -15.96
CA TYR A 198 9.33 -1.83 -15.01
C TYR A 198 10.66 -1.52 -15.72
N GLU A 199 10.88 -2.13 -16.89
CA GLU A 199 12.10 -1.91 -17.66
C GLU A 199 12.31 -0.41 -17.87
N GLY A 200 11.20 0.32 -17.96
CA GLY A 200 11.28 1.75 -18.15
C GLY A 200 11.43 2.50 -16.85
N ALA A 201 11.03 1.86 -15.75
CA ALA A 201 11.15 2.50 -14.46
C ALA A 201 12.64 2.49 -14.22
N VAL A 202 13.27 1.36 -14.52
CA VAL A 202 14.71 1.23 -14.32
C VAL A 202 15.49 2.26 -15.15
N LYS A 203 15.22 2.35 -16.45
CA LYS A 203 15.93 3.31 -17.29
C LYS A 203 15.65 4.77 -16.97
N ASN A 204 14.47 5.07 -16.44
CA ASN A 204 14.18 6.47 -16.12
C ASN A 204 14.34 6.81 -14.64
N GLY A 205 14.92 5.88 -13.88
CA GLY A 205 15.12 6.11 -12.46
C GLY A 205 13.85 6.32 -11.65
N ILE A 206 12.78 5.58 -11.97
CA ILE A 206 11.52 5.68 -11.23
C ILE A 206 11.57 4.52 -10.27
N HIS A 207 11.42 4.81 -8.99
CA HIS A 207 11.45 3.74 -7.98
C HIS A 207 10.45 2.62 -8.23
N ARG A 208 10.74 1.44 -7.71
CA ARG A 208 9.93 0.27 -7.93
C ARG A 208 9.64 -0.57 -6.67
N THR A 209 8.35 -0.88 -6.44
CA THR A 209 7.93 -1.78 -5.36
C THR A 209 6.97 -2.78 -6.04
N VAL A 210 6.83 -3.99 -5.50
CA VAL A 210 5.99 -5.02 -6.11
C VAL A 210 5.46 -5.95 -5.05
N HIS A 211 4.13 -6.15 -5.02
CA HIS A 211 3.48 -7.06 -4.07
C HIS A 211 3.90 -8.42 -4.61
N ALA A 212 4.43 -9.29 -3.77
CA ALA A 212 4.86 -10.62 -4.24
C ALA A 212 5.12 -11.48 -3.03
N GLY A 213 4.86 -12.78 -3.11
CA GLY A 213 5.07 -13.61 -1.93
C GLY A 213 4.05 -13.40 -0.83
N GLU A 214 2.99 -12.66 -1.13
CA GLU A 214 1.89 -12.42 -0.18
C GLU A 214 1.16 -13.75 -0.15
N VAL A 215 0.71 -14.20 -1.33
CA VAL A 215 0.05 -15.53 -1.45
C VAL A 215 0.69 -16.38 -2.55
N GLY A 216 1.57 -15.78 -3.37
CA GLY A 216 2.26 -16.52 -4.42
C GLY A 216 3.49 -17.25 -3.90
N SER A 217 4.17 -17.97 -4.77
CA SER A 217 5.35 -18.75 -4.38
C SER A 217 6.67 -17.95 -4.50
N PRO A 218 7.81 -18.58 -4.09
CA PRO A 218 9.13 -17.93 -4.16
C PRO A 218 9.41 -17.41 -5.57
N GLU A 219 8.99 -18.15 -6.58
CA GLU A 219 9.23 -17.74 -7.94
C GLU A 219 8.59 -16.40 -8.29
N VAL A 220 7.50 -16.06 -7.61
CA VAL A 220 6.85 -14.79 -7.90
C VAL A 220 7.79 -13.70 -7.38
N VAL A 221 8.38 -13.94 -6.20
CA VAL A 221 9.33 -13.01 -5.55
C VAL A 221 10.62 -12.89 -6.42
N ARG A 222 11.12 -14.04 -6.85
CA ARG A 222 12.30 -14.11 -7.67
C ARG A 222 12.14 -13.32 -8.92
N GLU A 223 10.95 -13.36 -9.51
CA GLU A 223 10.72 -12.61 -10.73
C GLU A 223 10.56 -11.12 -10.41
N ALA A 224 9.97 -10.77 -9.27
CA ALA A 224 9.80 -9.36 -8.91
C ALA A 224 11.18 -8.71 -8.81
N VAL A 225 12.08 -9.41 -8.10
CA VAL A 225 13.44 -8.97 -7.88
C VAL A 225 14.29 -9.04 -9.15
N ASP A 226 14.32 -10.20 -9.80
CA ASP A 226 15.17 -10.33 -10.96
C ASP A 226 14.68 -9.87 -12.29
N ILE A 227 13.39 -9.92 -12.53
CA ILE A 227 12.93 -9.52 -13.83
C ILE A 227 12.38 -8.13 -13.80
N LEU A 228 11.64 -7.85 -12.75
CA LEU A 228 11.03 -6.53 -12.56
C LEU A 228 11.98 -5.51 -11.86
N LYS A 229 13.02 -6.01 -11.19
CA LYS A 229 14.01 -5.14 -10.49
C LYS A 229 13.42 -4.37 -9.33
N THR A 230 12.55 -4.98 -8.54
CA THR A 230 12.01 -4.22 -7.46
C THR A 230 13.11 -3.81 -6.52
N GLU A 231 12.92 -2.66 -5.90
CA GLU A 231 13.82 -2.14 -4.89
C GLU A 231 13.25 -2.64 -3.56
N ARG A 232 11.93 -2.93 -3.52
CA ARG A 232 11.25 -3.49 -2.34
C ARG A 232 10.18 -4.57 -2.72
N VAL A 233 9.88 -5.48 -1.80
CA VAL A 233 8.91 -6.56 -1.98
C VAL A 233 7.74 -6.30 -1.04
N GLY A 234 6.54 -6.12 -1.59
CA GLY A 234 5.38 -5.92 -0.74
C GLY A 234 5.04 -7.31 -0.19
N ALA A 235 4.96 -7.42 1.13
CA ALA A 235 4.69 -8.69 1.78
C ALA A 235 5.93 -9.60 1.79
N GLY A 236 6.11 -10.40 0.74
CA GLY A 236 7.28 -11.28 0.65
C GLY A 236 7.46 -12.44 1.61
N TYR A 237 6.44 -12.71 2.43
CA TYR A 237 6.51 -13.80 3.41
C TYR A 237 6.88 -15.15 2.84
N HIS A 238 6.49 -15.42 1.61
CA HIS A 238 6.75 -16.74 1.02
C HIS A 238 8.16 -16.99 0.57
N THR A 239 8.99 -15.95 0.63
CA THR A 239 10.39 -16.05 0.24
C THR A 239 11.13 -17.06 1.14
N ILE A 240 10.80 -17.10 2.42
CA ILE A 240 11.49 -17.97 3.33
C ILE A 240 11.30 -19.43 3.00
N GLU A 241 10.51 -19.72 1.99
CA GLU A 241 10.26 -21.10 1.58
C GLU A 241 11.34 -21.55 0.61
N ASP A 242 12.15 -20.61 0.19
CA ASP A 242 13.22 -20.90 -0.74
C ASP A 242 14.42 -20.37 -0.02
N GLU A 243 15.00 -21.22 0.81
CA GLU A 243 16.17 -20.87 1.62
C GLU A 243 17.22 -20.06 0.90
N ALA A 244 17.58 -20.52 -0.29
CA ALA A 244 18.58 -19.86 -1.07
C ALA A 244 18.14 -18.44 -1.41
N LEU A 245 16.93 -18.34 -1.95
CA LEU A 245 16.37 -17.04 -2.37
C LEU A 245 16.35 -16.08 -1.19
N TYR A 246 15.86 -16.57 -0.06
CA TYR A 246 15.78 -15.74 1.11
C TYR A 246 17.17 -15.20 1.48
N ASN A 247 18.14 -16.09 1.66
CA ASN A 247 19.47 -15.69 2.03
C ASN A 247 20.07 -14.67 1.11
N ARG A 248 19.78 -14.79 -0.18
CA ARG A 248 20.30 -13.84 -1.15
C ARG A 248 19.60 -12.49 -1.07
N LEU A 249 18.35 -12.48 -0.62
CA LEU A 249 17.62 -11.22 -0.52
C LEU A 249 18.10 -10.58 0.76
N LEU A 250 18.38 -11.42 1.74
CA LEU A 250 18.88 -11.01 3.04
C LEU A 250 20.23 -10.29 2.78
N LYS A 251 21.09 -10.94 1.98
CA LYS A 251 22.38 -10.39 1.59
C LYS A 251 22.22 -9.04 0.85
N GLU A 252 21.39 -8.98 -0.19
CA GLU A 252 21.17 -7.72 -0.91
C GLU A 252 20.53 -6.66 -0.03
N ASN A 253 20.11 -7.06 1.17
CA ASN A 253 19.42 -6.17 2.10
C ASN A 253 18.05 -5.68 1.53
N MET A 254 17.33 -6.61 0.88
CA MET A 254 16.02 -6.31 0.31
C MET A 254 15.05 -5.88 1.40
N HIS A 255 14.30 -4.82 1.13
CA HIS A 255 13.32 -4.37 2.11
C HIS A 255 11.99 -5.14 1.95
N PHE A 256 11.41 -5.66 3.03
CA PHE A 256 10.13 -6.36 2.95
C PHE A 256 9.04 -5.53 3.60
N GLU A 257 8.03 -5.11 2.82
CA GLU A 257 6.94 -4.31 3.36
C GLU A 257 5.93 -5.27 3.99
N VAL A 258 6.09 -5.51 5.29
CA VAL A 258 5.24 -6.44 6.05
C VAL A 258 3.95 -5.81 6.56
N CYS A 259 2.84 -6.52 6.37
CA CYS A 259 1.52 -6.08 6.86
C CYS A 259 1.04 -7.29 7.71
N PRO A 260 1.27 -7.28 9.04
CA PRO A 260 0.85 -8.43 9.84
C PRO A 260 -0.65 -8.85 9.86
N TRP A 261 -1.55 -7.93 10.26
CA TRP A 261 -3.00 -8.20 10.34
C TRP A 261 -3.51 -8.67 8.96
N SER A 262 -3.21 -7.85 7.95
CA SER A 262 -3.61 -8.15 6.59
C SER A 262 -3.26 -9.57 6.14
N SER A 263 -2.11 -10.07 6.59
CA SER A 263 -1.68 -11.39 6.16
C SER A 263 -2.53 -12.53 6.71
N TYR A 264 -3.12 -12.29 7.87
CA TYR A 264 -3.95 -13.28 8.53
C TYR A 264 -5.32 -13.34 7.81
N LEU A 265 -5.88 -12.16 7.61
CA LEU A 265 -7.16 -11.94 6.95
C LEU A 265 -7.20 -12.27 5.45
N THR A 266 -6.06 -12.47 4.79
CA THR A 266 -6.04 -12.79 3.36
C THR A 266 -5.54 -14.19 3.17
N GLY A 267 -5.20 -14.84 4.28
CA GLY A 267 -4.67 -16.19 4.21
C GLY A 267 -3.24 -16.18 3.67
N ALA A 268 -2.61 -14.98 3.62
CA ALA A 268 -1.23 -14.84 3.13
C ALA A 268 -0.34 -15.62 4.04
N TRP A 269 -0.80 -15.69 5.31
CA TRP A 269 -0.14 -16.38 6.41
C TRP A 269 -1.06 -17.36 7.12
N ASP A 270 -0.64 -18.62 7.17
CA ASP A 270 -1.35 -19.71 7.83
C ASP A 270 -1.11 -19.55 9.34
N PRO A 271 -2.16 -19.26 10.14
CA PRO A 271 -2.08 -19.05 11.60
C PRO A 271 -1.56 -20.20 12.45
N LYS A 272 -1.34 -21.35 11.83
CA LYS A 272 -0.82 -22.49 12.56
C LYS A 272 0.72 -22.52 12.38
N THR A 273 1.24 -21.69 11.47
CA THR A 273 2.68 -21.57 11.23
C THR A 273 3.20 -20.25 11.84
N THR A 274 4.52 -20.16 12.08
CA THR A 274 5.12 -18.93 12.64
C THR A 274 5.21 -17.88 11.58
N HIS A 275 4.82 -16.66 11.93
CA HIS A 275 4.87 -15.59 10.95
C HIS A 275 6.29 -15.33 10.42
N ALA A 276 6.40 -15.09 9.12
CA ALA A 276 7.68 -14.87 8.49
C ALA A 276 8.39 -13.64 9.04
N VAL A 277 7.64 -12.72 9.65
CA VAL A 277 8.29 -11.53 10.18
C VAL A 277 9.03 -11.85 11.48
N VAL A 278 8.76 -13.04 12.01
CA VAL A 278 9.43 -13.49 13.22
C VAL A 278 10.85 -13.85 12.77
N ARG A 279 10.93 -14.58 11.69
CA ARG A 279 12.20 -14.95 11.14
C ARG A 279 12.90 -13.67 10.69
N PHE A 280 12.17 -12.73 10.12
CA PHE A 280 12.74 -11.48 9.67
C PHE A 280 13.37 -10.75 10.86
N LYS A 281 12.63 -10.67 11.95
CA LYS A 281 13.13 -10.02 13.14
C LYS A 281 14.37 -10.70 13.66
N ASN A 282 14.35 -12.02 13.62
CA ASN A 282 15.44 -12.80 14.12
C ASN A 282 16.68 -12.78 13.23
N ASP A 283 16.49 -12.58 11.94
CA ASP A 283 17.61 -12.52 11.01
C ASP A 283 17.99 -11.05 10.83
N LYS A 284 17.35 -10.18 11.61
CA LYS A 284 17.60 -8.76 11.51
C LYS A 284 17.47 -8.35 10.02
N ALA A 285 16.31 -8.63 9.40
CA ALA A 285 16.10 -8.31 7.99
C ALA A 285 15.67 -6.87 7.83
N ASN A 286 15.72 -6.39 6.59
CA ASN A 286 15.27 -5.04 6.29
C ASN A 286 13.74 -5.16 6.04
N TYR A 287 12.94 -4.60 6.95
CA TYR A 287 11.50 -4.68 6.85
C TYR A 287 10.69 -3.60 7.64
N SER A 288 9.54 -3.19 7.08
CA SER A 288 8.65 -2.24 7.76
C SER A 288 7.39 -2.97 8.24
N LEU A 289 6.61 -2.29 9.05
CA LEU A 289 5.38 -2.82 9.59
C LEU A 289 4.35 -1.86 9.01
N ASN A 290 3.40 -2.42 8.27
CA ASN A 290 2.36 -1.65 7.59
C ASN A 290 0.91 -2.10 7.80
N THR A 291 0.00 -1.23 7.43
CA THR A 291 -1.42 -1.43 7.62
C THR A 291 -2.15 -2.03 6.37
N ASP A 292 -1.70 -1.67 5.16
CA ASP A 292 -2.26 -2.18 3.90
C ASP A 292 -3.66 -1.63 3.52
N ASP A 293 -4.73 -2.18 4.08
CA ASP A 293 -6.09 -1.72 3.75
C ASP A 293 -6.86 -1.70 5.07
N PRO A 294 -6.60 -0.68 5.88
CA PRO A 294 -7.27 -0.59 7.19
C PRO A 294 -8.81 -0.54 7.23
N LEU A 295 -9.46 0.02 6.20
CA LEU A 295 -10.94 0.07 6.12
C LEU A 295 -11.48 -1.36 6.16
N ILE A 296 -11.07 -2.15 5.20
CA ILE A 296 -11.47 -3.53 5.08
C ILE A 296 -10.96 -4.42 6.19
N PHE A 297 -9.83 -4.09 6.82
CA PHE A 297 -9.34 -4.96 7.89
C PHE A 297 -9.83 -4.49 9.24
N LYS A 298 -10.57 -3.39 9.23
CA LYS A 298 -11.14 -2.82 10.44
C LYS A 298 -10.04 -2.67 11.45
N SER A 299 -8.98 -1.96 11.06
CA SER A 299 -7.80 -1.79 11.91
C SER A 299 -7.11 -0.45 11.88
N THR A 300 -5.99 -0.40 12.57
CA THR A 300 -5.18 0.79 12.65
C THR A 300 -3.72 0.34 12.66
N LEU A 301 -2.79 1.30 12.61
CA LEU A 301 -1.36 0.96 12.60
C LEU A 301 -0.99 0.24 13.92
N ASP A 302 -1.69 0.62 14.98
CA ASP A 302 -1.49 -0.04 16.26
C ASP A 302 -1.97 -1.50 16.25
N THR A 303 -2.87 -1.86 15.33
CA THR A 303 -3.37 -3.24 15.28
C THR A 303 -2.21 -4.14 14.97
N ASP A 304 -1.43 -3.72 13.97
CA ASP A 304 -0.25 -4.48 13.55
C ASP A 304 0.87 -4.42 14.57
N TYR A 305 0.98 -3.31 15.30
CA TYR A 305 2.00 -3.18 16.33
C TYR A 305 1.66 -4.04 17.53
N GLN A 306 0.39 -4.02 17.94
CA GLN A 306 -0.09 -4.84 19.06
C GLN A 306 0.03 -6.31 18.74
N MET A 307 -0.17 -6.65 17.49
CA MET A 307 -0.11 -8.05 17.08
C MET A 307 1.29 -8.62 17.19
N THR A 308 2.28 -7.87 16.71
CA THR A 308 3.69 -8.30 16.75
C THR A 308 4.17 -8.31 18.20
N LYS A 309 3.81 -7.26 18.93
CA LYS A 309 4.16 -7.15 20.32
C LYS A 309 3.62 -8.32 21.08
N LYS A 310 2.29 -8.38 21.18
CA LYS A 310 1.61 -9.45 21.89
C LYS A 310 1.90 -10.87 21.43
N ASP A 311 1.84 -11.09 20.12
CA ASP A 311 2.01 -12.44 19.63
C ASP A 311 3.35 -12.85 19.09
N MET A 312 4.17 -11.88 18.67
CA MET A 312 5.46 -12.25 18.09
C MET A 312 6.69 -11.82 18.88
N GLY A 313 6.48 -11.29 20.08
CA GLY A 313 7.57 -10.84 20.94
C GLY A 313 8.36 -9.61 20.49
N PHE A 314 7.68 -8.61 19.98
CA PHE A 314 8.37 -7.44 19.52
C PHE A 314 8.57 -6.46 20.65
N THR A 315 9.80 -5.96 20.75
CA THR A 315 10.21 -4.99 21.78
C THR A 315 10.30 -3.65 21.12
N GLU A 316 10.38 -2.60 21.92
CA GLU A 316 10.51 -1.23 21.42
C GLU A 316 11.79 -1.01 20.62
N GLU A 317 12.80 -1.83 20.90
CA GLU A 317 14.06 -1.75 20.24
C GLU A 317 13.90 -2.21 18.79
N GLU A 318 13.13 -3.28 18.61
CA GLU A 318 12.84 -3.79 17.27
C GLU A 318 11.93 -2.78 16.56
N PHE A 319 11.02 -2.18 17.32
CA PHE A 319 10.14 -1.20 16.71
C PHE A 319 10.99 -0.05 16.18
N LYS A 320 11.97 0.36 16.95
CA LYS A 320 12.84 1.47 16.55
C LYS A 320 13.70 1.12 15.35
N ARG A 321 14.19 -0.10 15.37
CA ARG A 321 15.03 -0.57 14.30
C ARG A 321 14.29 -0.71 12.97
N LEU A 322 13.09 -1.29 13.01
CA LEU A 322 12.33 -1.51 11.79
C LEU A 322 11.94 -0.19 11.14
N ASN A 323 11.63 0.80 11.97
CA ASN A 323 11.29 2.12 11.49
C ASN A 323 12.48 2.95 10.97
N ILE A 324 13.67 2.67 11.49
CA ILE A 324 14.85 3.37 10.98
C ILE A 324 15.13 2.73 9.60
N ASN A 325 14.96 1.41 9.51
CA ASN A 325 15.15 0.72 8.23
C ASN A 325 14.10 1.15 7.19
N ALA A 326 12.87 1.38 7.66
CA ALA A 326 11.79 1.82 6.79
C ALA A 326 12.21 3.17 6.22
N ALA A 327 12.76 4.02 7.06
CA ALA A 327 13.22 5.36 6.65
C ALA A 327 14.29 5.26 5.60
N LYS A 328 15.25 4.39 5.86
CA LYS A 328 16.36 4.18 4.95
C LYS A 328 15.86 3.59 3.64
N SER A 329 14.86 2.71 3.74
CA SER A 329 14.27 2.06 2.55
C SER A 329 13.21 2.90 1.78
N SER A 330 12.84 4.08 2.28
CA SER A 330 11.87 4.97 1.64
C SER A 330 12.31 5.46 0.27
N PHE A 331 11.40 6.05 -0.51
CA PHE A 331 11.76 6.51 -1.86
C PHE A 331 11.91 8.05 -1.90
N LEU A 332 12.12 8.60 -0.74
CA LEU A 332 12.37 10.03 -0.56
C LEU A 332 13.76 10.30 -1.16
N PRO A 333 13.97 11.48 -1.71
CA PRO A 333 15.29 11.76 -2.26
C PRO A 333 16.26 11.89 -1.06
N GLU A 334 17.56 11.69 -1.29
CA GLU A 334 18.60 11.79 -0.24
C GLU A 334 18.45 12.84 0.87
N GLU A 335 18.37 14.09 0.48
CA GLU A 335 18.22 15.18 1.44
C GLU A 335 17.06 14.96 2.38
N GLU A 336 15.88 14.69 1.83
CA GLU A 336 14.70 14.50 2.67
C GLU A 336 14.82 13.22 3.44
N LYS A 337 15.50 12.25 2.83
CA LYS A 337 15.63 11.00 3.50
C LYS A 337 16.41 11.21 4.76
N LYS A 338 17.52 11.94 4.66
CA LYS A 338 18.34 12.26 5.83
C LYS A 338 17.51 13.04 6.86
N GLU A 339 16.77 14.05 6.40
CA GLU A 339 15.93 14.80 7.32
C GLU A 339 14.99 13.90 8.12
N LEU A 340 14.45 12.86 7.46
CA LEU A 340 13.56 11.92 8.14
C LEU A 340 14.33 11.15 9.23
N LEU A 341 15.47 10.56 8.84
CA LEU A 341 16.34 9.81 9.77
C LEU A 341 16.74 10.65 10.99
N GLU A 342 17.04 11.91 10.73
CA GLU A 342 17.42 12.81 11.78
C GLU A 342 16.29 12.93 12.81
N ARG A 343 15.04 13.06 12.35
CA ARG A 343 13.85 13.18 13.22
C ARG A 343 13.60 11.92 14.03
N LEU A 344 13.76 10.77 13.39
CA LEU A 344 13.56 9.54 14.11
C LEU A 344 14.58 9.45 15.23
N TYR A 345 15.87 9.59 14.90
CA TYR A 345 16.93 9.49 15.93
C TYR A 345 16.70 10.55 17.01
N ARG A 346 16.33 11.73 16.61
CA ARG A 346 16.10 12.77 17.60
C ARG A 346 15.02 12.26 18.55
N GLU A 347 13.82 11.99 18.01
CA GLU A 347 12.66 11.54 18.80
C GLU A 347 12.82 10.20 19.46
N TYR A 348 13.73 9.41 18.97
CA TYR A 348 13.98 8.13 19.58
C TYR A 348 14.95 8.26 20.77
N GLN A 349 15.35 9.49 21.09
CA GLN A 349 16.29 9.69 22.19
C GLN A 349 15.70 9.51 23.58
ZN ZN B . -0.97 -4.02 -0.56
N1 HPR C . -2.56 -7.36 -1.92
C2 HPR C . -2.62 -7.16 -3.24
N3 HPR C . -3.28 -6.15 -3.76
C4 HPR C . -3.92 -5.25 -2.96
C5 HPR C . -3.89 -5.38 -1.62
C6 HPR C . -3.17 -6.47 -1.04
O6 HPR C . -2.10 -5.97 -0.18
N7 HPR C . -4.62 -4.37 -1.09
C8 HPR C . -5.08 -3.62 -2.10
N9 HPR C . -4.68 -4.17 -3.26
C1' HPR C . -5.09 -3.77 -4.59
C2' HPR C . -6.63 -3.37 -4.55
O2' HPR C . -7.32 -3.94 -5.67
C3' HPR C . -6.73 -1.84 -4.57
O3' HPR C . -7.90 -1.41 -5.28
C4' HPR C . -5.36 -1.72 -5.46
O4' HPR C . -4.41 -2.61 -5.02
C5' HPR C . -4.77 -0.31 -5.45
O5' HPR C . -4.89 0.27 -4.12
#